data_1MHT
#
_entry.id   1MHT
#
_cell.length_a   99.860
_cell.length_b   99.860
_cell.length_c   325.200
_cell.angle_alpha   90.00
_cell.angle_beta   90.00
_cell.angle_gamma   120.00
#
_symmetry.space_group_name_H-M   'H 3 2'
#
loop_
_entity.id
_entity.type
_entity.pdbx_description
1 polymer "DNA (5'-D(P*GP*AP*TP*AP*GP*(C36)P*GP*CP*TP*AP*TP*C)-3')"
2 polymer "DNA (5'-D(*TP*GP*AP*TP*AP*GP*(C36)P*GP*CP*TP*AP*TP*C)-3')"
3 polymer 'PROTEIN (HHAI METHYLTRANSFERASE)'
4 non-polymer S-ADENOSYL-L-HOMOCYSTEINE
#
loop_
_entity_poly.entity_id
_entity_poly.type
_entity_poly.pdbx_seq_one_letter_code
_entity_poly.pdbx_strand_id
1 'polydeoxyribonucleotide' (DG)(DA)(DT)(DA)(DG)(C36)(DG)(DC)(DT)(DA)(DT)(DC) B
2 'polydeoxyribonucleotide' (DT)(DG)(DA)(DT)(DA)(DG)(C36)(DG)(DC)(DT)(DA)(DT)(DC) C
3 'polypeptide(L)'
;MIEIKDKQLTGLRFIDLFAGLGGFRLALESCGAECVYSNEWDKYAQEVYEMNFGEKPEGDITQVNEKTIPDHDILCAGFP
CQAFSISGKQKGFEDSRGTLFFDIARIVREKKPKVVFMENVKNFASHDNGNTLEVVKNTMNELDYSFHAKVLNALDYGIP
QKRERIYMICFRNDLNIQNFQFPKPFELNTFVKDLLLPDSEVEHLVIDRKDLVMTNQEIEQTTPKTVRLGIVGKGGQGER
IYSTRGIAITLSAYGGGIFAKTGGYLVNGKTRKLHPRECARVMGYPDSYKVHPSTSQAYKQFGNSVVINVLQYIAYNIGS
SLNFKPY
;
A
#
# COMPACT_ATOMS: atom_id res chain seq x y z
N MET C 1 -1.83 -8.26 -9.66
CA MET C 1 -0.38 -8.51 -9.50
C MET C 1 0.12 -9.11 -10.78
N ILE C 2 1.42 -9.29 -10.91
CA ILE C 2 1.95 -9.83 -12.14
C ILE C 2 2.71 -11.09 -11.84
N GLU C 3 2.99 -11.85 -12.89
CA GLU C 3 3.75 -13.07 -12.72
C GLU C 3 5.21 -12.78 -12.93
N ILE C 4 6.03 -13.31 -12.03
CA ILE C 4 7.47 -13.14 -12.12
C ILE C 4 8.04 -14.55 -12.28
N LYS C 5 8.92 -14.75 -13.27
CA LYS C 5 9.53 -16.06 -13.50
C LYS C 5 10.98 -16.17 -12.96
N ASP C 6 11.71 -15.07 -12.94
CA ASP C 6 13.07 -15.06 -12.41
C ASP C 6 12.84 -14.74 -10.94
N LYS C 7 12.52 -15.75 -10.14
CA LYS C 7 12.27 -15.54 -8.74
C LYS C 7 13.55 -15.19 -8.00
N GLN C 8 13.96 -13.94 -8.12
CA GLN C 8 15.19 -13.46 -7.50
C GLN C 8 15.32 -13.59 -5.99
N LEU C 9 14.23 -13.75 -5.27
CA LEU C 9 14.36 -13.83 -3.82
C LEU C 9 14.22 -15.23 -3.21
N THR C 10 14.54 -16.25 -3.98
CA THR C 10 14.38 -17.63 -3.53
C THR C 10 14.82 -18.11 -2.13
N GLY C 11 16.07 -17.94 -1.76
CA GLY C 11 16.46 -18.45 -0.45
C GLY C 11 16.23 -17.55 0.77
N LEU C 12 15.70 -16.36 0.57
CA LEU C 12 15.53 -15.40 1.67
C LEU C 12 14.27 -15.52 2.51
N ARG C 13 14.38 -15.10 3.76
CA ARG C 13 13.27 -15.15 4.73
C ARG C 13 12.87 -13.74 5.14
N PHE C 14 11.57 -13.46 5.27
CA PHE C 14 11.17 -12.12 5.66
C PHE C 14 10.15 -12.03 6.79
N ILE C 15 10.04 -10.82 7.34
CA ILE C 15 9.15 -10.47 8.44
C ILE C 15 8.06 -9.49 7.94
N ASP C 16 6.81 -9.85 8.17
CA ASP C 16 5.71 -9.00 7.72
C ASP C 16 5.13 -8.21 8.87
N LEU C 17 5.68 -7.04 9.11
CA LEU C 17 5.21 -6.21 10.20
C LEU C 17 4.04 -5.38 9.72
N PHE C 18 3.10 -5.13 10.61
CA PHE C 18 1.91 -4.35 10.29
C PHE C 18 1.36 -5.02 9.06
N ALA C 19 1.12 -6.30 9.19
CA ALA C 19 0.67 -7.11 8.10
C ALA C 19 -0.56 -6.66 7.36
N GLY C 20 -1.57 -6.23 8.09
CA GLY C 20 -2.80 -5.83 7.42
C GLY C 20 -3.27 -7.01 6.58
N LEU C 21 -3.47 -6.78 5.29
CA LEU C 21 -3.94 -7.82 4.40
C LEU C 21 -2.84 -8.74 3.88
N GLY C 22 -1.58 -8.39 4.10
CA GLY C 22 -0.53 -9.24 3.60
C GLY C 22 -0.01 -8.82 2.24
N GLY C 23 -0.32 -7.60 1.81
CA GLY C 23 0.16 -7.12 0.53
C GLY C 23 1.66 -7.34 0.39
N PHE C 24 2.42 -7.07 1.43
CA PHE C 24 3.86 -7.28 1.35
C PHE C 24 4.19 -8.75 1.16
N ARG C 25 3.45 -9.60 1.85
CA ARG C 25 3.68 -11.04 1.79
C ARG C 25 3.45 -11.54 0.39
N LEU C 26 2.33 -11.16 -0.20
CA LEU C 26 2.02 -11.61 -1.54
C LEU C 26 3.14 -11.18 -2.45
N ALA C 27 3.54 -9.93 -2.29
CA ALA C 27 4.59 -9.35 -3.10
C ALA C 27 5.89 -10.11 -3.01
N LEU C 28 6.44 -10.27 -1.82
CA LEU C 28 7.72 -10.98 -1.70
C LEU C 28 7.60 -12.45 -2.03
N GLU C 29 6.51 -13.07 -1.60
CA GLU C 29 6.29 -14.49 -1.84
C GLU C 29 6.29 -14.82 -3.33
N SER C 30 5.83 -13.89 -4.16
CA SER C 30 5.82 -14.16 -5.59
C SER C 30 7.22 -14.13 -6.16
N CYS C 31 8.17 -13.54 -5.44
CA CYS C 31 9.56 -13.49 -5.88
C CYS C 31 10.38 -14.64 -5.32
N GLY C 32 9.72 -15.58 -4.64
CA GLY C 32 10.42 -16.73 -4.10
C GLY C 32 10.80 -16.73 -2.62
N ALA C 33 10.60 -15.62 -1.93
CA ALA C 33 10.94 -15.53 -0.50
C ALA C 33 9.91 -16.25 0.39
N GLU C 34 10.27 -16.50 1.65
CA GLU C 34 9.34 -17.16 2.56
C GLU C 34 9.14 -16.35 3.83
N CYS C 35 7.87 -16.11 4.18
CA CYS C 35 7.54 -15.32 5.35
C CYS C 35 7.67 -16.13 6.61
N VAL C 36 8.58 -15.72 7.48
CA VAL C 36 8.78 -16.46 8.71
C VAL C 36 8.11 -15.89 9.95
N TYR C 37 7.49 -14.71 9.83
CA TYR C 37 6.83 -14.07 10.97
C TYR C 37 5.87 -12.97 10.48
N SER C 38 4.78 -12.76 11.21
CA SER C 38 3.84 -11.72 10.86
C SER C 38 3.34 -11.06 12.14
N ASN C 39 3.05 -9.78 12.07
CA ASN C 39 2.56 -9.03 13.21
C ASN C 39 1.45 -8.09 12.81
N GLU C 40 0.35 -8.14 13.55
CA GLU C 40 -0.81 -7.31 13.28
C GLU C 40 -1.76 -7.39 14.46
N TRP C 41 -2.09 -6.25 15.06
CA TRP C 41 -2.97 -6.29 16.22
C TRP C 41 -4.46 -6.28 15.99
N ASP C 42 -4.90 -5.78 14.83
CA ASP C 42 -6.32 -5.68 14.54
C ASP C 42 -7.01 -7.02 14.35
N LYS C 43 -7.99 -7.28 15.21
CA LYS C 43 -8.76 -8.51 15.20
C LYS C 43 -9.24 -8.91 13.81
N TYR C 44 -9.90 -7.98 13.15
CA TYR C 44 -10.44 -8.22 11.82
C TYR C 44 -9.36 -8.44 10.76
N ALA C 45 -8.21 -7.81 10.94
CA ALA C 45 -7.12 -7.96 9.98
C ALA C 45 -6.54 -9.33 10.17
N GLN C 46 -6.48 -9.77 11.42
CA GLN C 46 -5.96 -11.09 11.72
C GLN C 46 -6.84 -12.13 11.05
N GLU C 47 -8.15 -11.95 11.10
CA GLU C 47 -9.07 -12.91 10.48
C GLU C 47 -8.86 -13.07 8.98
N VAL C 48 -8.58 -11.99 8.25
CA VAL C 48 -8.37 -12.16 6.81
C VAL C 48 -7.03 -12.78 6.57
N TYR C 49 -6.03 -12.36 7.34
CA TYR C 49 -4.69 -12.89 7.16
C TYR C 49 -4.71 -14.41 7.36
N GLU C 50 -5.53 -14.88 8.30
CA GLU C 50 -5.66 -16.30 8.57
C GLU C 50 -6.44 -17.00 7.45
N MET C 51 -7.53 -16.39 7.02
CA MET C 51 -8.35 -16.92 5.95
C MET C 51 -7.46 -17.17 4.72
N ASN C 52 -6.55 -16.25 4.43
CA ASN C 52 -5.69 -16.37 3.26
C ASN C 52 -4.30 -16.99 3.40
N PHE C 53 -3.70 -17.00 4.59
CA PHE C 53 -2.35 -17.57 4.72
C PHE C 53 -2.21 -18.69 5.72
N GLY C 54 -3.28 -18.91 6.48
CA GLY C 54 -3.28 -19.98 7.47
C GLY C 54 -2.59 -19.62 8.76
N GLU C 55 -2.02 -18.43 8.86
CA GLU C 55 -1.34 -18.00 10.08
C GLU C 55 -2.14 -16.91 10.74
N LYS C 56 -1.99 -16.78 12.05
CA LYS C 56 -2.61 -15.70 12.79
C LYS C 56 -1.43 -14.92 13.33
N PRO C 57 -1.27 -13.66 12.92
CA PRO C 57 -0.20 -12.76 13.33
C PRO C 57 -0.16 -12.55 14.83
N GLU C 58 1.02 -12.18 15.34
CA GLU C 58 1.16 -11.94 16.77
C GLU C 58 0.52 -10.59 17.05
N GLY C 59 0.34 -10.26 18.33
CA GLY C 59 -0.30 -9.01 18.67
C GLY C 59 0.57 -7.78 18.73
N ASP C 60 0.03 -6.74 19.35
CA ASP C 60 0.67 -5.44 19.58
C ASP C 60 2.20 -5.48 19.58
N ILE C 61 2.79 -4.99 18.50
CA ILE C 61 4.24 -4.97 18.32
C ILE C 61 4.97 -4.24 19.43
N THR C 62 4.30 -3.25 19.99
CA THR C 62 4.85 -2.44 21.04
C THR C 62 5.33 -3.21 22.25
N GLN C 63 4.59 -4.24 22.63
CA GLN C 63 4.96 -5.04 23.78
C GLN C 63 5.51 -6.40 23.32
N VAL C 64 6.45 -6.37 22.40
CA VAL C 64 7.02 -7.60 21.91
C VAL C 64 8.53 -7.55 22.06
N ASN C 65 9.06 -8.55 22.73
CA ASN C 65 10.48 -8.66 22.97
C ASN C 65 11.15 -8.90 21.62
N GLU C 66 11.82 -7.87 21.09
CA GLU C 66 12.51 -7.96 19.79
C GLU C 66 13.37 -9.19 19.59
N LYS C 67 13.93 -9.71 20.67
CA LYS C 67 14.76 -10.90 20.60
C LYS C 67 13.95 -12.08 20.10
N THR C 68 12.66 -12.09 20.47
CA THR C 68 11.73 -13.15 20.12
C THR C 68 11.49 -13.25 18.60
N ILE C 69 12.03 -12.33 17.85
CA ILE C 69 11.80 -12.34 16.42
C ILE C 69 12.81 -13.21 15.67
N PRO C 70 12.31 -14.17 14.88
CA PRO C 70 13.11 -15.09 14.09
C PRO C 70 14.17 -14.39 13.27
N ASP C 71 15.27 -15.09 13.05
CA ASP C 71 16.35 -14.57 12.25
C ASP C 71 15.67 -14.31 10.90
N HIS C 72 15.89 -13.15 10.31
CA HIS C 72 15.27 -12.85 9.02
C HIS C 72 16.19 -12.04 8.13
N ASP C 73 15.95 -12.09 6.83
CA ASP C 73 16.80 -11.38 5.88
C ASP C 73 16.24 -10.05 5.38
N ILE C 74 14.92 -9.95 5.33
CA ILE C 74 14.27 -8.75 4.85
C ILE C 74 13.21 -8.34 5.83
N LEU C 75 13.09 -7.05 6.13
CA LEU C 75 12.07 -6.60 7.04
C LEU C 75 11.10 -5.70 6.27
N CYS C 76 9.83 -6.11 6.28
CA CYS C 76 8.79 -5.37 5.58
C CYS C 76 7.89 -4.68 6.58
N ALA C 77 7.60 -3.41 6.36
CA ALA C 77 6.72 -2.67 7.25
C ALA C 77 6.13 -1.48 6.59
N GLY C 78 4.81 -1.45 6.53
CA GLY C 78 4.12 -0.27 6.01
C GLY C 78 3.53 0.30 7.29
N PHE C 79 4.36 0.91 8.14
CA PHE C 79 3.88 1.44 9.41
C PHE C 79 2.77 2.49 9.26
N PRO C 80 1.92 2.66 10.31
CA PRO C 80 0.81 3.61 10.34
C PRO C 80 1.13 4.95 9.74
N CYS C 81 0.20 5.43 8.91
CA CYS C 81 0.38 6.70 8.22
C CYS C 81 -0.52 7.85 8.64
N GLN C 82 -1.34 7.69 9.67
CA GLN C 82 -2.23 8.79 10.05
C GLN C 82 -1.46 10.04 10.47
N ALA C 83 -0.51 9.86 11.38
CA ALA C 83 0.25 10.99 11.88
C ALA C 83 1.07 11.76 10.84
N PHE C 84 1.07 11.30 9.57
CA PHE C 84 1.86 11.98 8.54
C PHE C 84 1.11 12.37 7.28
N SER C 85 -0.04 11.72 7.04
CA SER C 85 -0.88 11.96 5.87
C SER C 85 -1.38 13.40 5.76
N ILE C 86 -1.46 13.88 4.53
CA ILE C 86 -1.93 15.23 4.25
C ILE C 86 -3.39 15.34 4.68
N SER C 87 -4.04 14.20 4.91
CA SER C 87 -5.45 14.18 5.29
C SER C 87 -5.80 14.34 6.77
N GLY C 88 -4.80 14.35 7.65
CA GLY C 88 -5.12 14.48 9.07
C GLY C 88 -4.43 15.62 9.78
N LYS C 89 -4.53 15.62 11.12
CA LYS C 89 -3.88 16.63 11.94
C LYS C 89 -2.49 16.04 11.99
N GLN C 90 -1.55 16.66 11.28
CA GLN C 90 -0.20 16.13 11.18
C GLN C 90 0.72 16.09 12.40
N LYS C 91 0.27 15.54 13.52
CA LYS C 91 1.09 15.54 14.71
C LYS C 91 2.41 14.75 14.68
N GLY C 92 2.64 14.03 13.58
CA GLY C 92 3.87 13.28 13.45
C GLY C 92 4.19 12.45 14.68
N PHE C 93 5.47 12.47 15.06
CA PHE C 93 5.98 11.70 16.20
C PHE C 93 5.31 12.01 17.52
N GLU C 94 4.64 13.15 17.61
CA GLU C 94 3.96 13.51 18.85
C GLU C 94 2.66 12.74 18.97
N ASP C 95 2.19 12.22 17.84
CA ASP C 95 0.97 11.46 17.78
C ASP C 95 1.19 10.08 18.36
N SER C 96 0.20 9.59 19.09
CA SER C 96 0.26 8.27 19.70
C SER C 96 0.59 7.17 18.69
N ARG C 97 0.24 7.39 17.42
CA ARG C 97 0.48 6.41 16.37
C ARG C 97 1.59 6.85 15.42
N GLY C 98 2.48 7.73 15.89
CA GLY C 98 3.56 8.21 15.03
C GLY C 98 4.93 7.68 15.36
N THR C 99 5.01 6.93 16.45
CA THR C 99 6.27 6.39 16.93
C THR C 99 6.69 4.98 16.51
N LEU C 100 5.81 4.23 15.84
CA LEU C 100 6.08 2.85 15.40
C LEU C 100 7.41 2.64 14.70
N PHE C 101 7.87 3.67 14.02
CA PHE C 101 9.11 3.53 13.33
C PHE C 101 10.21 3.16 14.29
N PHE C 102 10.12 3.71 15.50
CA PHE C 102 11.13 3.46 16.49
C PHE C 102 11.10 2.01 16.91
N ASP C 103 9.93 1.40 16.83
CA ASP C 103 9.83 0.00 17.15
C ASP C 103 10.53 -0.73 16.03
N ILE C 104 10.36 -0.25 14.80
CA ILE C 104 11.04 -0.87 13.67
C ILE C 104 12.54 -0.77 13.96
N ALA C 105 12.99 0.42 14.36
CA ALA C 105 14.40 0.63 14.66
C ALA C 105 14.92 -0.29 15.74
N ARG C 106 14.13 -0.57 16.79
CA ARG C 106 14.65 -1.49 17.80
C ARG C 106 14.75 -2.89 17.24
N ILE C 107 13.80 -3.25 16.37
CA ILE C 107 13.83 -4.58 15.79
C ILE C 107 15.03 -4.71 14.86
N VAL C 108 15.34 -3.63 14.15
CA VAL C 108 16.46 -3.64 13.25
C VAL C 108 17.76 -3.73 14.02
N ARG C 109 17.97 -2.84 14.97
CA ARG C 109 19.18 -2.84 15.78
C ARG C 109 19.56 -4.24 16.28
N GLU C 110 18.60 -4.94 16.86
CA GLU C 110 18.80 -6.30 17.39
C GLU C 110 18.96 -7.37 16.30
N LYS C 111 17.99 -7.47 15.40
CA LYS C 111 18.00 -8.48 14.34
C LYS C 111 18.92 -8.28 13.13
N LYS C 112 19.30 -7.05 12.86
CA LYS C 112 20.18 -6.72 11.73
C LYS C 112 19.86 -7.43 10.40
N PRO C 113 18.65 -7.22 9.86
CA PRO C 113 18.32 -7.87 8.58
C PRO C 113 19.13 -7.29 7.42
N LYS C 114 19.31 -8.05 6.36
CA LYS C 114 20.06 -7.56 5.21
C LYS C 114 19.37 -6.37 4.57
N VAL C 115 18.04 -6.37 4.61
CA VAL C 115 17.26 -5.30 4.01
C VAL C 115 16.05 -4.85 4.84
N VAL C 116 15.81 -3.55 4.84
CA VAL C 116 14.65 -2.98 5.51
C VAL C 116 13.89 -2.39 4.33
N PHE C 117 12.60 -2.65 4.30
CA PHE C 117 11.76 -2.25 3.20
C PHE C 117 10.53 -1.63 3.83
N MET C 118 10.39 -0.31 3.74
CA MET C 118 9.25 0.37 4.35
C MET C 118 8.42 1.14 3.37
N GLU C 119 7.19 1.48 3.76
CA GLU C 119 6.28 2.23 2.89
C GLU C 119 5.44 3.24 3.67
N ASN C 120 5.27 4.43 3.12
CA ASN C 120 4.42 5.42 3.77
C ASN C 120 3.88 6.45 2.76
N VAL C 121 3.09 7.40 3.24
CA VAL C 121 2.48 8.38 2.36
C VAL C 121 3.48 9.39 1.83
N LYS C 122 3.15 10.02 0.69
CA LYS C 122 4.03 11.03 0.08
C LYS C 122 4.35 12.19 0.98
N ASN C 123 3.37 12.62 1.76
CA ASN C 123 3.61 13.74 2.66
C ASN C 123 4.63 13.40 3.73
N PHE C 124 4.99 12.13 3.87
CA PHE C 124 5.97 11.72 4.89
C PHE C 124 7.26 12.45 4.56
N ALA C 125 7.53 12.56 3.26
CA ALA C 125 8.73 13.22 2.76
C ALA C 125 8.80 14.69 3.14
N SER C 126 7.73 15.44 2.89
CA SER C 126 7.74 16.87 3.21
C SER C 126 7.42 17.19 4.65
N HIS C 127 6.77 16.26 5.34
CA HIS C 127 6.35 16.47 6.72
C HIS C 127 7.34 17.18 7.60
N ASP C 128 6.82 18.13 8.39
CA ASP C 128 7.60 18.92 9.32
C ASP C 128 8.86 19.47 8.67
N ASN C 129 8.69 20.00 7.46
CA ASN C 129 9.82 20.53 6.70
C ASN C 129 10.89 19.48 6.53
N GLY C 130 10.47 18.27 6.19
CA GLY C 130 11.39 17.18 5.97
C GLY C 130 12.14 16.73 7.19
N ASN C 131 11.79 17.25 8.35
CA ASN C 131 12.52 16.84 9.51
C ASN C 131 12.23 15.40 9.90
N THR C 132 11.03 14.91 9.59
CA THR C 132 10.69 13.53 9.95
C THR C 132 11.46 12.51 9.14
N LEU C 133 11.52 12.75 7.84
CA LEU C 133 12.26 11.88 6.95
C LEU C 133 13.69 11.83 7.46
N GLU C 134 14.23 13.00 7.75
CA GLU C 134 15.61 13.13 8.24
C GLU C 134 15.86 12.25 9.47
N VAL C 135 14.97 12.28 10.44
CA VAL C 135 15.17 11.46 11.63
C VAL C 135 15.22 10.01 11.24
N VAL C 136 14.39 9.65 10.26
CA VAL C 136 14.35 8.28 9.78
C VAL C 136 15.63 7.97 9.02
N LYS C 137 16.14 8.94 8.26
CA LYS C 137 17.36 8.72 7.50
C LYS C 137 18.52 8.44 8.45
N ASN C 138 18.83 9.42 9.28
CA ASN C 138 19.93 9.31 10.25
C ASN C 138 19.86 8.08 11.13
N THR C 139 18.69 7.77 11.65
CA THR C 139 18.53 6.61 12.51
C THR C 139 19.00 5.38 11.76
N MET C 140 18.54 5.25 10.53
CA MET C 140 18.89 4.13 9.70
C MET C 140 20.41 4.07 9.50
N ASN C 141 21.02 5.17 9.04
CA ASN C 141 22.46 5.25 8.79
C ASN C 141 23.25 4.85 10.02
N GLU C 142 22.80 5.36 11.16
CA GLU C 142 23.41 5.10 12.44
C GLU C 142 23.44 3.61 12.75
N LEU C 143 22.45 2.86 12.29
CA LEU C 143 22.38 1.41 12.50
C LEU C 143 23.19 0.66 11.43
N ASP C 144 23.95 1.40 10.64
CA ASP C 144 24.80 0.87 9.59
C ASP C 144 24.04 0.36 8.37
N TYR C 145 23.22 1.25 7.79
CA TYR C 145 22.43 0.91 6.62
C TYR C 145 22.40 2.04 5.59
N SER C 146 22.38 1.71 4.31
CA SER C 146 22.30 2.75 3.31
C SER C 146 20.82 3.05 3.27
N PHE C 147 20.45 4.26 2.87
CA PHE C 147 19.06 4.63 2.83
C PHE C 147 18.68 5.13 1.46
N HIS C 148 17.76 4.43 0.81
CA HIS C 148 17.28 4.77 -0.53
C HIS C 148 15.82 5.04 -0.41
N ALA C 149 15.33 6.10 -1.04
CA ALA C 149 13.90 6.41 -0.97
C ALA C 149 13.40 7.18 -2.18
N LYS C 150 12.18 6.91 -2.62
CA LYS C 150 11.62 7.60 -3.78
C LYS C 150 10.11 7.57 -3.70
N VAL C 151 9.46 8.58 -4.27
CA VAL C 151 8.01 8.64 -4.26
C VAL C 151 7.54 8.08 -5.60
N LEU C 152 6.79 6.98 -5.58
CA LEU C 152 6.29 6.36 -6.81
C LEU C 152 4.76 6.30 -6.85
N ASN C 153 4.19 6.66 -7.99
CA ASN C 153 2.75 6.68 -8.18
C ASN C 153 2.36 5.41 -8.90
N ALA C 154 1.37 4.70 -8.38
CA ALA C 154 0.93 3.44 -8.99
C ALA C 154 0.54 3.49 -10.45
N LEU C 155 -0.03 4.60 -10.90
CA LEU C 155 -0.46 4.71 -12.30
C LEU C 155 0.69 4.55 -13.29
N ASP C 156 1.91 4.70 -12.78
CA ASP C 156 3.14 4.55 -13.58
C ASP C 156 3.60 3.10 -13.57
N TYR C 157 2.89 2.26 -12.84
CA TYR C 157 3.26 0.87 -12.77
C TYR C 157 2.15 -0.11 -13.06
N GLY C 158 1.33 0.22 -14.06
CA GLY C 158 0.25 -0.66 -14.46
C GLY C 158 -1.08 -0.71 -13.72
N ILE C 159 -1.25 0.06 -12.64
CA ILE C 159 -2.51 0.04 -11.89
C ILE C 159 -3.22 1.39 -12.01
N PRO C 160 -4.50 1.36 -12.42
CA PRO C 160 -5.29 2.58 -12.59
C PRO C 160 -5.72 3.19 -11.27
N GLN C 161 -4.76 3.68 -10.50
CA GLN C 161 -5.07 4.34 -9.24
C GLN C 161 -3.99 5.32 -8.92
N LYS C 162 -4.40 6.50 -8.50
CA LYS C 162 -3.45 7.52 -8.12
C LYS C 162 -3.18 7.24 -6.67
N ARG C 163 -1.98 6.79 -6.39
CA ARG C 163 -1.59 6.49 -5.03
C ARG C 163 -0.10 6.70 -4.99
N GLU C 164 0.29 7.93 -4.63
CA GLU C 164 1.67 8.32 -4.54
C GLU C 164 2.21 7.99 -3.15
N ARG C 165 3.09 6.99 -3.08
CA ARG C 165 3.65 6.62 -1.80
C ARG C 165 5.17 6.72 -1.85
N ILE C 166 5.78 6.79 -0.67
CA ILE C 166 7.22 6.86 -0.58
C ILE C 166 7.69 5.50 -0.14
N TYR C 167 8.72 4.99 -0.81
CA TYR C 167 9.26 3.68 -0.49
C TYR C 167 10.70 3.83 -0.02
N MET C 168 11.01 3.21 1.11
CA MET C 168 12.33 3.31 1.72
C MET C 168 12.98 1.94 1.81
N ILE C 169 14.04 1.77 1.04
CA ILE C 169 14.78 0.54 0.99
C ILE C 169 16.16 0.78 1.64
N CYS C 170 16.47 0.03 2.68
CA CYS C 170 17.73 0.17 3.36
C CYS C 170 18.48 -1.14 3.28
N PHE C 171 19.77 -1.04 2.90
CA PHE C 171 20.67 -2.21 2.78
C PHE C 171 21.74 -2.14 3.84
N ARG C 172 21.99 -3.27 4.50
CA ARG C 172 23.03 -3.30 5.52
C ARG C 172 24.29 -2.84 4.81
N ASN C 173 25.09 -2.01 5.48
CA ASN C 173 26.31 -1.47 4.90
C ASN C 173 27.35 -2.46 4.39
N ASP C 174 27.43 -3.64 5.01
CA ASP C 174 28.40 -4.68 4.62
C ASP C 174 28.40 -4.83 3.10
N LEU C 175 27.39 -5.55 2.61
CA LEU C 175 27.19 -5.81 1.20
C LEU C 175 27.23 -4.49 0.45
N ASN C 176 28.27 -4.29 -0.35
CA ASN C 176 28.41 -3.05 -1.10
C ASN C 176 27.35 -2.97 -2.17
N ILE C 177 26.12 -2.68 -1.78
CA ILE C 177 25.04 -2.59 -2.77
C ILE C 177 25.06 -1.21 -3.37
N GLN C 178 25.67 -1.09 -4.53
CA GLN C 178 25.77 0.19 -5.19
C GLN C 178 25.08 0.19 -6.54
N ASN C 179 24.25 -0.83 -6.79
CA ASN C 179 23.56 -0.94 -8.06
C ASN C 179 22.04 -1.00 -7.99
N PHE C 180 21.48 -0.66 -6.82
CA PHE C 180 20.03 -0.70 -6.67
C PHE C 180 19.38 0.46 -7.38
N GLN C 181 18.19 0.21 -7.90
CA GLN C 181 17.45 1.25 -8.59
C GLN C 181 15.97 0.97 -8.44
N PHE C 182 15.16 2.02 -8.55
CA PHE C 182 13.71 1.89 -8.47
C PHE C 182 13.24 1.61 -9.88
N PRO C 183 12.23 0.74 -10.03
CA PRO C 183 11.70 0.39 -11.34
C PRO C 183 11.38 1.55 -12.24
N LYS C 184 11.61 1.34 -13.52
CA LYS C 184 11.32 2.37 -14.51
C LYS C 184 9.83 2.34 -14.79
N PRO C 185 9.22 3.52 -14.86
CA PRO C 185 7.78 3.67 -15.12
C PRO C 185 7.44 3.20 -16.52
N PHE C 186 6.15 3.07 -16.79
CA PHE C 186 5.67 2.68 -18.10
C PHE C 186 4.21 3.06 -18.31
N GLU C 187 3.83 3.24 -19.57
CA GLU C 187 2.48 3.65 -19.95
C GLU C 187 1.39 2.82 -19.30
N LEU C 188 0.29 3.47 -18.96
CA LEU C 188 -0.84 2.82 -18.34
C LEU C 188 -1.78 2.34 -19.45
N ASN C 189 -2.10 1.05 -19.44
CA ASN C 189 -2.99 0.44 -20.44
C ASN C 189 -4.28 -0.14 -19.87
N THR C 190 -4.49 0.03 -18.57
CA THR C 190 -5.70 -0.48 -17.94
C THR C 190 -6.29 0.65 -17.11
N PHE C 191 -7.59 0.86 -17.26
CA PHE C 191 -8.27 1.92 -16.52
C PHE C 191 -9.38 1.34 -15.66
N VAL C 192 -9.94 2.18 -14.79
CA VAL C 192 -10.99 1.71 -13.90
C VAL C 192 -12.03 0.86 -14.60
N LYS C 193 -12.61 1.38 -15.67
CA LYS C 193 -13.65 0.66 -16.42
C LYS C 193 -13.28 -0.79 -16.72
N ASP C 194 -12.00 -1.08 -16.81
CA ASP C 194 -11.54 -2.43 -17.12
C ASP C 194 -11.62 -3.38 -15.95
N LEU C 195 -11.74 -2.83 -14.75
CA LEU C 195 -11.78 -3.64 -13.54
C LEU C 195 -13.14 -3.79 -12.90
N LEU C 196 -14.14 -3.09 -13.42
CA LEU C 196 -15.48 -3.13 -12.83
C LEU C 196 -16.17 -4.47 -12.92
N LEU C 197 -17.20 -4.64 -12.09
CA LEU C 197 -17.96 -5.88 -12.07
C LEU C 197 -19.21 -5.73 -12.92
N PRO C 198 -19.81 -6.86 -13.33
CA PRO C 198 -21.02 -6.75 -14.13
C PRO C 198 -22.07 -6.05 -13.29
N ASP C 199 -22.78 -5.08 -13.87
CA ASP C 199 -23.81 -4.33 -13.16
C ASP C 199 -24.71 -5.13 -12.21
N SER C 200 -25.02 -6.37 -12.58
CA SER C 200 -25.88 -7.24 -11.76
C SER C 200 -25.37 -7.42 -10.35
N GLU C 201 -24.07 -7.60 -10.24
CA GLU C 201 -23.44 -7.79 -8.94
C GLU C 201 -23.30 -6.52 -8.12
N VAL C 202 -23.42 -5.37 -8.76
CA VAL C 202 -23.23 -4.10 -8.06
C VAL C 202 -24.48 -3.29 -7.72
N GLU C 203 -25.62 -3.60 -8.32
CA GLU C 203 -26.85 -2.85 -8.08
C GLU C 203 -27.07 -2.20 -6.70
N HIS C 204 -26.66 -2.88 -5.64
CA HIS C 204 -26.84 -2.39 -4.28
C HIS C 204 -25.90 -1.28 -3.81
N LEU C 205 -24.94 -0.88 -4.64
CA LEU C 205 -24.01 0.17 -4.26
C LEU C 205 -24.41 1.46 -4.92
N VAL C 206 -25.40 1.37 -5.82
CA VAL C 206 -25.89 2.54 -6.52
C VAL C 206 -26.54 3.47 -5.50
N ILE C 207 -26.22 4.75 -5.61
CA ILE C 207 -26.70 5.79 -4.72
C ILE C 207 -27.25 6.93 -5.59
N ASP C 208 -28.57 7.10 -5.58
CA ASP C 208 -29.20 8.17 -6.34
C ASP C 208 -29.48 9.32 -5.39
N ARG C 209 -28.76 10.43 -5.54
CA ARG C 209 -28.99 11.56 -4.68
C ARG C 209 -29.45 12.75 -5.49
N LYS C 210 -30.28 13.59 -4.89
CA LYS C 210 -30.81 14.76 -5.57
C LYS C 210 -29.86 15.96 -5.66
N ASP C 211 -28.97 16.09 -4.68
CA ASP C 211 -27.99 17.20 -4.67
C ASP C 211 -26.74 16.88 -5.50
N LEU C 212 -26.93 15.97 -6.43
CA LEU C 212 -25.92 15.52 -7.33
C LEU C 212 -25.76 16.59 -8.39
N VAL C 213 -24.64 17.30 -8.35
CA VAL C 213 -24.38 18.34 -9.32
C VAL C 213 -23.39 17.76 -10.33
N MET C 214 -23.39 18.26 -11.56
CA MET C 214 -22.46 17.77 -12.56
C MET C 214 -21.60 18.91 -13.09
N THR C 215 -20.32 18.90 -12.72
CA THR C 215 -19.38 19.94 -13.13
C THR C 215 -18.87 19.76 -14.55
N ASN C 216 -18.39 18.56 -14.86
CA ASN C 216 -17.87 18.27 -16.21
C ASN C 216 -18.65 17.15 -16.88
N GLN C 217 -18.36 16.90 -18.15
CA GLN C 217 -19.04 15.85 -18.91
C GLN C 217 -18.12 14.65 -19.05
N GLU C 218 -18.73 13.48 -19.17
CA GLU C 218 -18.00 12.24 -19.31
C GLU C 218 -17.04 12.37 -20.47
N ILE C 219 -15.87 11.73 -20.34
CA ILE C 219 -14.87 11.81 -21.39
C ILE C 219 -14.98 10.64 -22.36
N GLU C 220 -14.40 10.80 -23.55
CA GLU C 220 -14.43 9.76 -24.57
C GLU C 220 -13.07 9.05 -24.57
N GLN C 221 -12.02 9.83 -24.32
CA GLN C 221 -10.67 9.31 -24.31
C GLN C 221 -10.17 8.85 -22.94
N THR C 222 -9.56 7.67 -22.93
CA THR C 222 -9.00 7.08 -21.72
C THR C 222 -7.80 7.93 -21.30
N THR C 223 -7.68 8.24 -20.01
CA THR C 223 -6.59 9.07 -19.55
C THR C 223 -6.01 8.66 -18.21
N PRO C 224 -4.68 8.71 -18.07
CA PRO C 224 -4.03 8.34 -16.82
C PRO C 224 -4.08 9.47 -15.81
N LYS C 225 -5.30 9.94 -15.49
CA LYS C 225 -5.49 10.98 -14.48
C LYS C 225 -6.89 10.91 -13.89
N THR C 226 -7.03 11.41 -12.65
CA THR C 226 -8.32 11.40 -11.97
C THR C 226 -9.17 12.50 -12.56
N VAL C 227 -10.10 12.12 -13.42
CA VAL C 227 -10.98 13.12 -14.01
C VAL C 227 -12.25 13.18 -13.18
N ARG C 228 -12.42 14.27 -12.44
CA ARG C 228 -13.61 14.44 -11.63
C ARG C 228 -14.77 14.86 -12.52
N LEU C 229 -15.96 14.31 -12.27
CA LEU C 229 -17.15 14.63 -13.06
C LEU C 229 -18.16 15.35 -12.21
N GLY C 230 -18.31 14.92 -10.97
CA GLY C 230 -19.31 15.57 -10.16
C GLY C 230 -19.00 15.66 -8.71
N ILE C 231 -19.92 16.28 -8.01
CA ILE C 231 -19.85 16.55 -6.58
C ILE C 231 -21.27 16.31 -6.08
N VAL C 232 -21.39 15.90 -4.82
CA VAL C 232 -22.68 15.67 -4.20
C VAL C 232 -22.58 16.36 -2.85
N GLY C 233 -23.64 17.00 -2.41
CA GLY C 233 -23.58 17.68 -1.13
C GLY C 233 -22.60 18.84 -1.22
N LYS C 234 -21.72 18.96 -0.23
CA LYS C 234 -20.72 20.04 -0.22
C LYS C 234 -19.40 19.69 -0.98
N GLY C 235 -19.33 18.48 -1.56
CA GLY C 235 -18.15 18.08 -2.30
C GLY C 235 -16.87 17.79 -1.56
N GLY C 236 -16.99 17.44 -0.28
CA GLY C 236 -15.84 17.11 0.53
C GLY C 236 -15.43 15.67 0.29
N GLN C 237 -14.48 15.18 1.08
CA GLN C 237 -14.02 13.81 0.91
C GLN C 237 -15.16 12.81 0.95
N GLY C 238 -15.24 11.96 -0.06
CA GLY C 238 -16.28 10.95 -0.11
C GLY C 238 -17.51 11.40 -0.86
N GLU C 239 -17.57 12.67 -1.24
CA GLU C 239 -18.71 13.16 -1.97
C GLU C 239 -18.31 13.84 -3.26
N ARG C 240 -17.44 13.16 -3.98
CA ARG C 240 -16.93 13.64 -5.26
C ARG C 240 -17.02 12.40 -6.12
N ILE C 241 -17.48 12.58 -7.36
CA ILE C 241 -17.68 11.48 -8.30
C ILE C 241 -16.71 11.56 -9.45
N TYR C 242 -16.13 10.42 -9.80
CA TYR C 242 -15.15 10.37 -10.85
C TYR C 242 -15.57 9.53 -12.03
N SER C 243 -14.87 9.76 -13.13
CA SER C 243 -15.12 9.05 -14.37
C SER C 243 -14.39 7.71 -14.33
N THR C 244 -15.05 6.66 -14.80
CA THR C 244 -14.44 5.34 -14.84
C THR C 244 -13.54 5.22 -16.04
N ARG C 245 -13.25 6.36 -16.67
CA ARG C 245 -12.38 6.40 -17.84
C ARG C 245 -10.98 6.95 -17.49
N GLY C 246 -10.82 7.38 -16.22
CA GLY C 246 -9.55 7.88 -15.77
C GLY C 246 -9.01 6.85 -14.80
N ILE C 247 -8.45 7.28 -13.69
CA ILE C 247 -7.94 6.33 -12.72
C ILE C 247 -8.59 6.54 -11.37
N ALA C 248 -8.53 5.53 -10.52
CA ALA C 248 -9.15 5.63 -9.22
C ALA C 248 -8.39 6.58 -8.32
N ILE C 249 -9.12 7.30 -7.50
CA ILE C 249 -8.47 8.19 -6.56
C ILE C 249 -7.94 7.27 -5.49
N THR C 250 -7.07 7.78 -4.63
CA THR C 250 -6.56 6.93 -3.57
C THR C 250 -7.70 6.41 -2.70
N LEU C 251 -7.65 5.12 -2.37
CA LEU C 251 -8.62 4.47 -1.48
C LEU C 251 -8.17 4.80 -0.05
N SER C 252 -9.10 5.04 0.88
CA SER C 252 -8.71 5.39 2.26
C SER C 252 -9.32 4.44 3.27
N ALA C 253 -8.71 4.37 4.45
CA ALA C 253 -9.14 3.47 5.52
C ALA C 253 -10.19 4.00 6.48
N TYR C 254 -10.03 5.24 6.94
CA TYR C 254 -10.99 5.82 7.88
C TYR C 254 -11.86 6.85 7.19
N GLY C 255 -11.72 6.93 5.88
CA GLY C 255 -12.48 7.88 5.10
C GLY C 255 -13.98 7.80 5.31
N GLY C 256 -14.61 8.97 5.24
CA GLY C 256 -16.04 9.06 5.39
C GLY C 256 -16.61 9.55 4.07
N GLY C 257 -17.84 10.08 4.12
CA GLY C 257 -18.50 10.54 2.90
C GLY C 257 -19.48 9.49 2.41
N ILE C 258 -20.47 9.86 1.62
CA ILE C 258 -21.43 8.86 1.19
C ILE C 258 -20.79 7.78 0.33
N PHE C 259 -19.76 8.17 -0.40
CA PHE C 259 -18.98 7.23 -1.22
C PHE C 259 -17.71 6.89 -0.42
N ALA C 260 -17.99 6.59 0.84
CA ALA C 260 -17.04 6.26 1.92
C ALA C 260 -15.88 5.34 1.54
N LYS C 261 -14.69 5.92 1.51
CA LYS C 261 -13.42 5.18 1.33
C LYS C 261 -13.00 4.86 -0.14
N THR C 262 -13.94 4.75 -1.05
CA THR C 262 -13.60 4.42 -2.47
C THR C 262 -13.92 5.57 -3.40
N GLY C 263 -14.70 6.54 -2.93
CA GLY C 263 -15.11 7.62 -3.79
C GLY C 263 -16.23 7.08 -4.67
N GLY C 264 -16.86 7.95 -5.46
CA GLY C 264 -17.96 7.51 -6.31
C GLY C 264 -17.59 7.51 -7.75
N TYR C 265 -18.26 6.69 -8.54
CA TYR C 265 -17.96 6.60 -9.95
C TYR C 265 -19.22 6.55 -10.77
N LEU C 266 -19.18 7.16 -11.94
CA LEU C 266 -20.32 7.17 -12.84
C LEU C 266 -20.24 5.91 -13.69
N VAL C 267 -21.00 4.88 -13.31
CA VAL C 267 -21.00 3.63 -14.04
C VAL C 267 -22.29 3.50 -14.82
N ASN C 268 -22.17 3.42 -16.15
CA ASN C 268 -23.32 3.27 -17.04
C ASN C 268 -24.53 4.15 -16.67
N GLY C 269 -24.31 5.45 -16.51
CA GLY C 269 -25.41 6.36 -16.20
C GLY C 269 -25.81 6.44 -14.74
N LYS C 270 -25.24 5.57 -13.92
CA LYS C 270 -25.54 5.52 -12.49
C LYS C 270 -24.34 5.93 -11.61
N THR C 271 -24.62 6.47 -10.44
CA THR C 271 -23.58 6.88 -9.51
C THR C 271 -23.45 5.83 -8.39
N ARG C 272 -22.25 5.27 -8.18
CA ARG C 272 -22.04 4.24 -7.16
C ARG C 272 -20.62 4.18 -6.59
N LYS C 273 -20.44 3.50 -5.47
CA LYS C 273 -19.12 3.35 -4.86
C LYS C 273 -18.52 2.02 -5.35
N LEU C 274 -17.24 1.81 -5.14
CA LEU C 274 -16.61 0.58 -5.59
C LEU C 274 -16.98 -0.57 -4.66
N HIS C 275 -17.00 -1.79 -5.20
CA HIS C 275 -17.30 -3.01 -4.46
C HIS C 275 -15.96 -3.50 -3.88
N PRO C 276 -15.97 -4.17 -2.70
CA PRO C 276 -14.69 -4.62 -2.15
C PRO C 276 -13.79 -5.31 -3.16
N ARG C 277 -14.32 -6.25 -3.90
CA ARG C 277 -13.52 -6.92 -4.92
C ARG C 277 -12.85 -5.91 -5.86
N GLU C 278 -13.59 -4.89 -6.28
CA GLU C 278 -13.01 -3.89 -7.18
C GLU C 278 -11.87 -3.15 -6.49
N CYS C 279 -12.00 -2.90 -5.19
CA CYS C 279 -10.91 -2.26 -4.47
C CYS C 279 -9.70 -3.19 -4.56
N ALA C 280 -9.92 -4.48 -4.31
CA ALA C 280 -8.86 -5.46 -4.36
C ALA C 280 -8.17 -5.36 -5.70
N ARG C 281 -8.97 -5.38 -6.76
CA ARG C 281 -8.39 -5.29 -8.07
C ARG C 281 -7.61 -4.01 -8.25
N VAL C 282 -8.16 -2.91 -7.77
CA VAL C 282 -7.50 -1.63 -7.93
C VAL C 282 -6.21 -1.55 -7.13
N MET C 283 -6.03 -2.48 -6.18
CA MET C 283 -4.80 -2.56 -5.37
C MET C 283 -3.89 -3.64 -5.93
N GLY C 284 -4.34 -4.26 -7.01
CA GLY C 284 -3.54 -5.28 -7.64
C GLY C 284 -3.64 -6.62 -6.96
N TYR C 285 -4.68 -6.85 -6.18
CA TYR C 285 -4.86 -8.15 -5.52
C TYR C 285 -5.50 -9.16 -6.50
N PRO C 286 -5.05 -10.43 -6.47
CA PRO C 286 -5.61 -11.45 -7.37
C PRO C 286 -7.03 -11.78 -6.93
N ASP C 287 -7.89 -12.13 -7.87
CA ASP C 287 -9.29 -12.42 -7.58
C ASP C 287 -9.46 -13.60 -6.63
N SER C 288 -8.38 -14.36 -6.43
CA SER C 288 -8.43 -15.52 -5.53
C SER C 288 -8.31 -15.11 -4.07
N TYR C 289 -7.95 -13.85 -3.85
CA TYR C 289 -7.79 -13.35 -2.50
C TYR C 289 -9.15 -13.28 -1.87
N LYS C 290 -9.26 -13.87 -0.69
CA LYS C 290 -10.52 -13.89 0.02
C LYS C 290 -10.69 -12.61 0.83
N VAL C 291 -11.73 -11.82 0.52
CA VAL C 291 -11.96 -10.59 1.26
C VAL C 291 -12.71 -10.85 2.55
N HIS C 292 -12.51 -9.98 3.51
CA HIS C 292 -13.15 -10.11 4.80
C HIS C 292 -14.65 -9.96 4.66
N PRO C 293 -15.41 -10.75 5.43
CA PRO C 293 -16.88 -10.73 5.39
C PRO C 293 -17.61 -9.41 5.71
N SER C 294 -17.03 -8.56 6.54
CA SER C 294 -17.66 -7.29 6.88
C SER C 294 -17.22 -6.25 5.86
N THR C 295 -18.11 -5.83 4.97
CA THR C 295 -17.73 -4.86 3.96
C THR C 295 -17.06 -3.64 4.55
N SER C 296 -17.49 -3.20 5.72
CA SER C 296 -16.88 -2.03 6.34
C SER C 296 -15.40 -2.28 6.65
N GLN C 297 -15.09 -3.49 7.10
CA GLN C 297 -13.72 -3.81 7.41
C GLN C 297 -12.94 -4.13 6.14
N ALA C 298 -13.62 -4.55 5.08
CA ALA C 298 -12.92 -4.84 3.85
C ALA C 298 -12.43 -3.53 3.28
N TYR C 299 -13.32 -2.53 3.24
CA TYR C 299 -12.96 -1.22 2.70
C TYR C 299 -11.83 -0.59 3.48
N LYS C 300 -11.91 -0.71 4.81
CA LYS C 300 -10.88 -0.16 5.68
C LYS C 300 -9.55 -0.83 5.33
N GLN C 301 -9.58 -2.15 5.30
CA GLN C 301 -8.40 -2.95 5.01
C GLN C 301 -7.71 -2.60 3.71
N PHE C 302 -8.50 -2.45 2.66
CA PHE C 302 -7.96 -2.08 1.37
C PHE C 302 -7.53 -0.64 1.35
N GLY C 303 -8.19 0.17 2.17
CA GLY C 303 -7.90 1.60 2.25
C GLY C 303 -6.48 1.83 2.66
N ASN C 304 -5.98 1.06 3.61
CA ASN C 304 -4.60 1.31 3.97
C ASN C 304 -3.65 0.18 3.57
N SER C 305 -4.02 -0.50 2.49
CA SER C 305 -3.20 -1.57 1.98
C SER C 305 -2.11 -0.96 1.13
N VAL C 306 -1.53 -1.76 0.23
CA VAL C 306 -0.44 -1.34 -0.63
C VAL C 306 -0.64 -1.92 -2.02
N VAL C 307 -0.28 -1.17 -3.06
CA VAL C 307 -0.43 -1.66 -4.43
C VAL C 307 0.62 -2.74 -4.72
N ILE C 308 0.17 -3.98 -4.68
CA ILE C 308 1.04 -5.11 -4.90
C ILE C 308 2.02 -4.97 -6.07
N ASN C 309 1.52 -4.79 -7.28
CA ASN C 309 2.39 -4.72 -8.46
C ASN C 309 3.63 -3.88 -8.23
N VAL C 310 3.47 -2.72 -7.59
CA VAL C 310 4.63 -1.88 -7.33
C VAL C 310 5.66 -2.62 -6.49
N LEU C 311 5.22 -3.14 -5.35
CA LEU C 311 6.11 -3.86 -4.46
C LEU C 311 6.80 -4.97 -5.19
N GLN C 312 6.12 -5.58 -6.16
CA GLN C 312 6.74 -6.66 -6.90
C GLN C 312 7.97 -6.15 -7.62
N TYR C 313 7.80 -5.12 -8.43
CA TYR C 313 8.93 -4.57 -9.13
C TYR C 313 10.04 -4.25 -8.17
N ILE C 314 9.73 -3.53 -7.10
CA ILE C 314 10.77 -3.16 -6.16
C ILE C 314 11.45 -4.40 -5.58
N ALA C 315 10.66 -5.38 -5.17
CA ALA C 315 11.20 -6.60 -4.61
C ALA C 315 12.12 -7.30 -5.60
N TYR C 316 11.76 -7.29 -6.87
CA TYR C 316 12.58 -7.93 -7.86
C TYR C 316 13.95 -7.27 -7.90
N ASN C 317 13.96 -5.95 -7.95
CA ASN C 317 15.20 -5.19 -8.00
C ASN C 317 16.01 -5.42 -6.75
N ILE C 318 15.35 -5.44 -5.60
CA ILE C 318 16.04 -5.71 -4.35
C ILE C 318 16.73 -7.06 -4.54
N GLY C 319 16.04 -7.98 -5.21
CA GLY C 319 16.61 -9.29 -5.47
C GLY C 319 17.82 -9.21 -6.36
N SER C 320 17.69 -8.54 -7.50
CA SER C 320 18.78 -8.44 -8.43
C SER C 320 20.07 -7.92 -7.81
N SER C 321 19.96 -6.82 -7.06
CA SER C 321 21.13 -6.23 -6.40
C SER C 321 21.81 -7.21 -5.46
N LEU C 322 21.03 -7.94 -4.68
CA LEU C 322 21.62 -8.89 -3.76
C LEU C 322 22.25 -10.08 -4.47
N ASN C 323 21.81 -10.37 -5.68
CA ASN C 323 22.35 -11.52 -6.38
C ASN C 323 23.52 -11.26 -7.28
N PHE C 324 23.97 -10.02 -7.31
CA PHE C 324 25.09 -9.68 -8.14
C PHE C 324 26.38 -9.65 -7.32
N LYS C 325 26.98 -10.83 -7.14
CA LYS C 325 28.22 -10.95 -6.37
C LYS C 325 29.30 -11.52 -7.27
N PRO C 326 29.77 -10.76 -8.26
CA PRO C 326 30.81 -11.26 -9.14
C PRO C 326 32.18 -11.35 -8.44
N TYR C 327 33.12 -12.02 -9.11
CA TYR C 327 34.45 -12.23 -8.57
C TYR C 327 35.35 -11.06 -8.85
#